data_7O4Y
#
_entry.id   7O4Y
#
_cell.length_a   73.998
_cell.length_b   73.998
_cell.length_c   98.808
_cell.angle_alpha   90.000
_cell.angle_beta   90.000
_cell.angle_gamma   120.000
#
_symmetry.space_group_name_H-M   'P 31'
#
loop_
_entity.id
_entity.type
_entity.pdbx_description
1 polymer 'Anti-Kappa VHH domain'
2 polymer 'm971 Fab heavy chain'
3 polymer 'm971 Fab light chain'
4 water water
#
loop_
_entity_poly.entity_id
_entity_poly.type
_entity_poly.pdbx_seq_one_letter_code
_entity_poly.pdbx_strand_id
1 'polypeptide(L)'
;(UNK)VQL(UNK)(UNK)SGGG(UNK)VQ(UNK)G(UNK)SL(UNK)LSC(UNK)A(UNK)(UNK)(UNK)(UNK)
(UNK)(UNK)(UNK)(UNK)(UNK)(UNK)(UNK)W(UNK)RQ(UNK)PG(UNK)(UNK)RE(UNK)V(UNK)(UNK)
(UNK)(UNK)(UNK)(UNK)(UNK)(UNK)(UNK)(UNK)(UNK)(UNK)(UNK)DS(UNK)(UNK)GRFT(UNK)S
(UNK)D(UNK)(UNK)(UNK)(UNK)(UNK)(UNK)(UNK)LQ(UNK)(UNK)(UNK)L(UNK)(UNK)(UNK)D(UNK)
A(UNK)YYC(UNK)(UNK)(UNK)(UNK)(UNK)(UNK)(UNK)(UNK)(UNK)(UNK)(UNK)(UNK)(UNK)(UNK)W
G(UNK)GT(UNK)VTVSS
;
K
2 'polypeptide(L)'
;TGQVQLQQSGPGLVKPSQTLSLTCAISGDSVSSNSAAWNWIRQSPSRGLEWLGRTYYRSKWYNDYAVSVKSRITINPDTS
KNQFSLQLNSVTPEDTAVYYCAREVTGDLEDAFDIWGQGTMVTVSSASTKGPSVFPLAPSSKSTSGGTAALGCLVKDYFP
EPVTVSWNSGALTSGVHTFPAVLQSSGLYSLSSVVTVPSSSLGTQTYICNVSHKPSNTKVDKKVEPKSC
;
H
3 'polypeptide(L)'
;TGDIQMTQSPSSLSASVGDRVTITCRASQTIWSYLNWYQQRPGKAPNLLIYAASSLQSGVPSRFSGRGSGTDFTLTISSL
QAEDFATYYCQQSYSIPQTFGQGTKLEIKRTVAAPSVFIFPPSDEQLKSGTASVVCLLNNFYPREAKVQWKVDNALQSGN
SQESVTEQDSKDSTYSLSSTLTLSKADYEKHKVYACEVTHQGLSSPVTKSFNRGEC
;
L
#
# COMPACT_ATOMS: atom_id res chain seq x y z
N UNK A 1 7.68 18.81 -17.71
CA UNK A 1 7.21 17.43 -17.76
C UNK A 1 8.10 16.64 -18.68
N VAL A 2 8.65 15.53 -18.21
CA VAL A 2 9.51 14.67 -19.01
C VAL A 2 8.99 13.25 -18.88
N GLN A 3 8.87 12.53 -20.00
CA GLN A 3 8.46 11.14 -19.97
C GLN A 3 9.60 10.29 -20.53
N LEU A 4 10.01 9.28 -19.75
CA LEU A 4 11.08 8.40 -20.16
C LEU A 4 10.53 7.02 -20.43
N UNK A 5 10.97 6.39 -21.52
CA UNK A 5 10.50 5.05 -21.87
C UNK A 5 11.66 4.13 -22.23
N UNK A 6 11.89 3.15 -21.36
CA UNK A 6 12.92 2.15 -21.58
C UNK A 6 12.40 1.04 -22.48
N SER A 7 13.30 0.47 -23.29
CA SER A 7 12.98 -0.72 -24.05
C SER A 7 14.24 -1.52 -24.31
N GLY A 8 14.08 -2.70 -24.90
CA GLY A 8 15.20 -3.55 -25.22
C GLY A 8 15.45 -4.67 -24.24
N GLY A 9 14.68 -4.76 -23.17
CA GLY A 9 14.84 -5.85 -22.23
C GLY A 9 14.36 -7.17 -22.80
N GLY A 10 14.67 -8.23 -22.07
CA GLY A 10 14.28 -9.55 -22.51
C GLY A 10 15.06 -10.64 -21.83
N UNK A 11 14.94 -11.86 -22.35
CA UNK A 11 15.59 -13.02 -21.77
C UNK A 11 16.81 -13.42 -22.58
N VAL A 12 17.94 -13.62 -21.91
CA VAL A 12 19.16 -14.08 -22.55
C VAL A 12 19.82 -15.11 -21.65
N GLN A 13 20.72 -15.91 -22.21
CA GLN A 13 21.46 -16.88 -21.41
C GLN A 13 22.79 -16.25 -20.99
N UNK A 14 23.46 -16.84 -20.01
CA UNK A 14 24.73 -16.29 -19.52
C UNK A 14 25.73 -16.11 -20.66
N GLY A 15 26.47 -14.99 -20.62
CA GLY A 15 27.43 -14.68 -21.65
C GLY A 15 26.83 -13.90 -22.80
N UNK A 16 25.51 -13.74 -22.78
CA UNK A 16 24.82 -13.06 -23.87
C UNK A 16 24.85 -11.55 -23.74
N SER A 17 24.19 -10.89 -24.68
CA SER A 17 24.18 -9.45 -24.75
C SER A 17 22.77 -8.89 -24.96
N LEU A 18 22.56 -7.67 -24.47
CA LEU A 18 21.34 -6.93 -24.74
C LEU A 18 21.71 -5.47 -24.92
N UNK A 19 20.90 -4.74 -25.66
CA UNK A 19 21.05 -3.28 -25.74
C UNK A 19 19.76 -2.63 -25.30
N LEU A 20 19.82 -1.84 -24.22
CA LEU A 20 18.65 -1.11 -23.79
C LEU A 20 18.64 0.28 -24.38
N SER A 21 17.44 0.81 -24.60
CA SER A 21 17.25 2.18 -25.03
C SER A 21 16.36 2.90 -24.03
N CYS A 22 16.58 4.20 -23.89
CA CYS A 22 15.73 5.04 -23.07
C CYS A 22 15.40 6.31 -23.86
N UNK A 23 14.16 6.40 -24.35
CA UNK A 23 13.77 7.54 -25.18
C UNK A 23 13.07 8.57 -24.31
N ALA A 24 13.53 9.81 -24.38
CA ALA A 24 12.91 10.88 -23.61
C ALA A 24 12.01 11.73 -24.46
N UNK A 25 10.90 12.14 -23.87
CA UNK A 25 9.99 13.10 -24.52
C UNK A 25 9.76 14.31 -23.60
N UNK A 26 9.70 15.49 -24.22
CA UNK A 26 9.18 16.77 -23.68
C UNK A 26 10.24 17.78 -23.21
N UNK A 27 11.48 17.34 -23.06
CA UNK A 27 12.61 18.25 -22.87
C UNK A 27 13.83 17.61 -23.54
N UNK A 28 14.81 18.43 -23.91
CA UNK A 28 16.04 17.91 -24.48
C UNK A 28 16.85 17.19 -23.42
N UNK A 29 17.44 16.05 -23.78
CA UNK A 29 18.35 15.39 -22.86
C UNK A 29 19.76 15.98 -22.97
N UNK A 30 19.98 16.85 -23.96
CA UNK A 30 21.33 17.34 -24.26
C UNK A 30 21.99 18.08 -23.09
N UNK A 31 21.18 18.73 -22.26
CA UNK A 31 21.68 19.60 -21.20
C UNK A 31 21.85 18.86 -19.87
N UNK A 32 21.54 17.57 -19.87
CA UNK A 32 21.48 16.85 -18.60
C UNK A 32 22.15 15.48 -18.68
N UNK A 33 22.66 15.03 -17.54
CA UNK A 33 23.13 13.65 -17.40
C UNK A 33 21.94 12.70 -17.43
N UNK A 34 22.16 11.51 -17.97
CA UNK A 34 21.13 10.48 -17.96
C UNK A 34 21.71 9.22 -17.32
N UNK A 35 21.01 8.64 -16.35
CA UNK A 35 21.55 7.49 -15.63
C UNK A 35 20.72 6.25 -15.82
N TRP A 36 21.38 5.10 -15.71
CA TRP A 36 20.73 3.80 -15.65
C TRP A 36 20.85 3.26 -14.24
N UNK A 37 19.75 2.72 -13.73
CA UNK A 37 19.73 2.03 -12.45
C UNK A 37 19.10 0.67 -12.67
N ARG A 38 19.20 -0.23 -11.69
CA ARG A 38 18.48 -1.50 -11.81
C ARG A 38 18.01 -1.94 -10.44
N GLN A 39 16.88 -2.66 -10.44
CA GLN A 39 16.31 -3.17 -9.20
C GLN A 39 15.78 -4.58 -9.40
N UNK A 40 16.32 -5.52 -8.62
CA UNK A 40 15.82 -6.88 -8.58
C UNK A 40 14.91 -6.99 -7.36
N PRO A 41 13.96 -7.93 -7.36
CA PRO A 41 13.06 -8.04 -6.20
C PRO A 41 13.84 -8.23 -4.90
N GLY A 42 13.46 -7.47 -3.88
CA GLY A 42 14.12 -7.56 -2.59
C GLY A 42 15.38 -6.72 -2.46
N UNK A 43 15.90 -6.21 -3.57
CA UNK A 43 17.13 -5.43 -3.53
C UNK A 43 16.89 -3.93 -3.69
N UNK A 44 17.85 -3.13 -3.22
CA UNK A 44 17.83 -1.69 -3.41
C UNK A 44 17.94 -1.35 -4.90
N ARG A 45 17.46 -0.17 -5.27
CA ARG A 45 17.66 0.29 -6.64
C ARG A 45 19.11 0.73 -6.79
N GLU A 46 19.85 -0.05 -7.56
CA GLU A 46 21.31 0.06 -7.65
C GLU A 46 21.74 0.91 -8.84
N UNK A 47 22.71 1.80 -8.63
CA UNK A 47 23.28 2.58 -9.72
C UNK A 47 24.02 1.64 -10.69
N VAL A 48 23.88 1.90 -11.99
CA VAL A 48 24.56 1.12 -13.02
C VAL A 48 25.53 1.99 -13.84
N UNK A 49 25.04 3.09 -14.39
CA UNK A 49 25.89 3.94 -15.23
C UNK A 49 25.28 5.31 -15.42
N UNK A 50 26.12 6.30 -15.72
CA UNK A 50 25.63 7.63 -16.04
C UNK A 50 26.38 8.16 -17.25
N UNK A 51 25.63 8.70 -18.21
CA UNK A 51 26.21 9.42 -19.33
C UNK A 51 25.97 10.90 -19.11
N UNK A 52 27.03 11.64 -18.82
CA UNK A 52 26.91 13.08 -18.61
C UNK A 52 26.82 13.76 -19.98
N UNK A 53 26.76 15.09 -20.01
CA UNK A 53 26.70 15.80 -21.28
C UNK A 53 27.91 15.44 -22.13
N UNK A 54 27.81 15.60 -23.44
CA UNK A 54 28.91 15.29 -24.34
C UNK A 54 30.19 15.97 -23.84
N UNK A 55 31.25 15.16 -23.75
CA UNK A 55 32.59 15.56 -23.28
C UNK A 55 32.76 15.56 -21.74
N UNK A 56 31.70 15.28 -21.00
CA UNK A 56 31.80 15.27 -19.55
C UNK A 56 31.89 13.85 -18.99
N UNK A 57 31.90 12.86 -19.89
CA UNK A 57 32.26 11.45 -19.63
C UNK A 57 31.11 10.55 -19.19
N UNK A 58 31.42 9.26 -19.12
CA UNK A 58 30.51 8.23 -18.66
C UNK A 58 31.13 7.55 -17.45
N UNK A 59 30.33 7.21 -16.44
CA UNK A 59 30.85 6.59 -15.24
C UNK A 59 30.01 5.35 -14.91
N UNK A 60 30.63 4.38 -14.25
CA UNK A 60 30.00 3.08 -14.07
C UNK A 60 30.11 2.56 -12.64
N UNK A 61 29.18 1.69 -12.27
CA UNK A 61 29.25 0.95 -11.02
C UNK A 61 30.31 -0.16 -11.10
N ASP A 62 30.89 -0.52 -9.96
CA ASP A 62 31.84 -1.63 -9.86
C ASP A 62 31.31 -2.90 -10.53
N SER A 63 30.03 -3.18 -10.31
CA SER A 63 29.43 -4.45 -10.74
C SER A 63 29.39 -4.62 -12.25
N UNK A 64 29.46 -3.52 -12.99
CA UNK A 64 29.27 -3.60 -14.44
C UNK A 64 30.47 -3.09 -15.22
N UNK A 65 31.48 -2.59 -14.51
CA UNK A 65 32.64 -2.00 -15.16
C UNK A 65 33.25 -3.00 -16.15
N GLY A 66 33.49 -2.54 -17.36
CA GLY A 66 34.12 -3.36 -18.38
C GLY A 66 33.20 -4.30 -19.14
N ARG A 67 31.93 -4.37 -18.73
CA ARG A 67 30.94 -5.16 -19.44
C ARG A 67 29.80 -4.34 -20.03
N PHE A 68 29.41 -3.24 -19.39
CA PHE A 68 28.32 -2.40 -19.87
C PHE A 68 28.89 -1.10 -20.40
N THR A 69 28.21 -0.55 -21.40
CA THR A 69 28.60 0.73 -21.98
C THR A 69 27.38 1.62 -22.18
N UNK A 70 27.44 2.81 -21.60
CA UNK A 70 26.37 3.78 -21.78
C UNK A 70 26.75 4.76 -22.87
N SER A 71 25.77 5.15 -23.69
CA SER A 71 26.03 6.09 -24.75
C SER A 71 24.80 6.97 -24.94
N UNK A 72 24.98 8.09 -25.62
CA UNK A 72 23.88 9.02 -25.84
C UNK A 72 23.74 9.39 -27.32
N ASP A 73 22.50 9.60 -27.75
CA ASP A 73 22.24 10.21 -29.06
C ASP A 73 21.33 11.40 -28.81
N UNK A 74 21.94 12.57 -28.64
CA UNK A 74 21.19 13.78 -28.31
C UNK A 74 20.14 14.09 -29.38
N UNK A 75 20.49 13.88 -30.64
CA UNK A 75 19.59 14.22 -31.74
C UNK A 75 18.33 13.34 -31.71
N UNK A 76 18.46 12.13 -31.18
CA UNK A 76 17.32 11.23 -31.07
C UNK A 76 16.68 11.30 -29.67
N UNK A 77 17.23 12.16 -28.83
CA UNK A 77 16.78 12.34 -27.44
C UNK A 77 16.74 10.99 -26.71
N UNK A 78 17.75 10.17 -26.97
CA UNK A 78 17.75 8.80 -26.46
C UNK A 78 19.12 8.43 -25.93
N UNK A 79 19.15 7.63 -24.86
CA UNK A 79 20.39 7.07 -24.35
C UNK A 79 20.29 5.55 -24.40
N UNK A 80 21.45 4.89 -24.42
CA UNK A 80 21.50 3.44 -24.56
C UNK A 80 22.37 2.80 -23.50
N LEU A 81 22.09 1.54 -23.18
CA LEU A 81 22.98 0.75 -22.34
C LEU A 81 23.29 -0.56 -23.06
N GLN A 82 24.52 -0.68 -23.55
CA GLN A 82 24.99 -1.92 -24.16
C GLN A 82 25.45 -2.84 -23.06
N UNK A 83 24.81 -4.00 -22.94
CA UNK A 83 25.14 -4.93 -21.87
C UNK A 83 25.74 -6.20 -22.42
N UNK A 84 27.03 -6.40 -22.16
CA UNK A 84 27.74 -7.56 -22.68
C UNK A 84 28.15 -8.48 -21.55
N UNK A 85 28.45 -9.73 -21.90
CA UNK A 85 28.87 -10.76 -20.94
C UNK A 85 27.94 -10.85 -19.76
N LEU A 86 26.65 -10.99 -20.05
CA LEU A 86 25.63 -11.01 -18.99
C LEU A 86 25.72 -12.24 -18.11
N UNK A 87 25.37 -12.06 -16.84
CA UNK A 87 25.36 -13.14 -15.86
C UNK A 87 24.05 -13.09 -15.06
N UNK A 88 23.69 -14.20 -14.43
CA UNK A 88 22.43 -14.32 -13.69
C UNK A 88 22.20 -13.16 -12.73
N UNK A 89 23.29 -12.67 -12.13
CA UNK A 89 23.22 -11.60 -11.13
C UNK A 89 22.81 -10.25 -11.76
N ASP A 90 22.76 -10.19 -13.08
CA ASP A 90 22.36 -8.96 -13.79
C ASP A 90 20.85 -8.87 -13.97
N UNK A 91 20.14 -9.94 -13.65
CA UNK A 91 18.68 -9.97 -13.74
C UNK A 91 18.06 -8.92 -12.84
N ALA A 92 17.27 -8.04 -13.43
CA ALA A 92 16.61 -6.94 -12.71
C ALA A 92 15.72 -6.16 -13.65
N UNK A 93 14.87 -5.29 -13.10
CA UNK A 93 14.24 -4.24 -13.90
C UNK A 93 15.26 -3.13 -14.07
N TYR A 94 15.47 -2.68 -15.31
CA TYR A 94 16.42 -1.59 -15.56
C TYR A 94 15.67 -0.29 -15.83
N TYR A 95 16.07 0.78 -15.13
CA TYR A 95 15.41 2.07 -15.17
C TYR A 95 16.36 3.12 -15.70
N CYS A 96 15.82 4.06 -16.47
CA CYS A 96 16.60 5.25 -16.72
C CYS A 96 15.99 6.44 -15.98
N UNK A 97 16.85 7.40 -15.66
CA UNK A 97 16.46 8.61 -14.96
C UNK A 97 17.29 9.78 -15.49
N UNK A 98 16.65 10.94 -15.53
CA UNK A 98 17.31 12.17 -15.94
C UNK A 98 17.75 12.90 -14.69
N UNK A 99 18.97 13.42 -14.68
CA UNK A 99 19.45 14.22 -13.56
C UNK A 99 19.05 15.67 -13.84
N UNK A 100 18.11 16.19 -13.06
CA UNK A 100 17.58 17.52 -13.30
C UNK A 100 18.61 18.59 -12.96
N UNK A 101 19.66 18.22 -12.24
CA UNK A 101 20.68 19.18 -11.83
C UNK A 101 21.78 19.28 -12.87
N UNK A 102 21.88 20.44 -13.51
CA UNK A 102 22.94 20.70 -14.48
C UNK A 102 24.34 20.50 -13.86
N UNK A 103 24.43 20.62 -12.52
CA UNK A 103 25.70 20.49 -11.81
C UNK A 103 26.04 19.04 -11.48
N UNK A 104 25.18 18.12 -11.89
CA UNK A 104 25.40 16.66 -11.78
C UNK A 104 25.35 16.09 -10.36
N UNK A 105 24.50 16.65 -9.51
CA UNK A 105 24.36 16.14 -8.15
C UNK A 105 23.45 14.91 -8.08
N UNK A 106 22.80 14.58 -9.19
CA UNK A 106 21.76 13.54 -9.29
C UNK A 106 20.44 13.84 -8.67
N UNK A 107 19.85 14.94 -9.07
CA UNK A 107 18.47 15.20 -8.71
C UNK A 107 17.57 14.44 -9.70
N UNK A 108 17.23 13.21 -9.37
CA UNK A 108 16.48 12.36 -10.29
C UNK A 108 14.97 12.55 -10.09
N UNK A 109 14.41 13.55 -10.76
CA UNK A 109 12.99 13.84 -10.62
C UNK A 109 12.13 12.94 -11.50
N UNK A 110 12.64 12.60 -12.68
CA UNK A 110 11.88 11.82 -13.64
C UNK A 110 12.52 10.46 -13.88
N TRP A 111 11.71 9.42 -13.80
CA TRP A 111 12.11 8.05 -13.96
C TRP A 111 11.26 7.38 -15.02
N GLY A 112 11.86 6.46 -15.77
CA GLY A 112 11.09 5.60 -16.65
C GLY A 112 10.34 4.52 -15.89
N UNK A 113 9.50 3.77 -16.59
CA UNK A 113 8.72 2.71 -15.97
C UNK A 113 9.52 1.41 -15.83
N GLY A 114 10.66 1.31 -16.50
CA GLY A 114 11.52 0.14 -16.41
C GLY A 114 11.33 -0.89 -17.52
N THR A 115 12.40 -1.60 -17.84
CA THR A 115 12.34 -2.74 -18.75
C THR A 115 12.99 -3.96 -18.08
N UNK A 116 12.34 -5.12 -18.17
CA UNK A 116 12.83 -6.30 -17.47
C UNK A 116 13.95 -7.04 -18.22
N VAL A 117 15.03 -7.32 -17.50
CA VAL A 117 16.16 -8.10 -18.03
C VAL A 117 16.29 -9.37 -17.21
N THR A 118 16.25 -10.53 -17.87
CA THR A 118 16.38 -11.83 -17.20
C THR A 118 17.49 -12.62 -17.87
N VAL A 119 18.47 -13.05 -17.08
CA VAL A 119 19.61 -13.81 -17.57
C VAL A 119 19.54 -15.19 -16.92
N SER A 120 19.24 -16.20 -17.72
CA SER A 120 19.05 -17.55 -17.20
C SER A 120 19.42 -18.60 -18.24
N GLN B 3 -10.41 -7.83 29.92
CA GLN B 3 -10.12 -7.49 28.53
C GLN B 3 -8.75 -8.03 28.12
N VAL B 4 -8.72 -8.82 27.06
CA VAL B 4 -7.50 -9.44 26.55
C VAL B 4 -7.01 -8.63 25.36
N GLN B 5 -5.73 -8.29 25.36
CA GLN B 5 -5.14 -7.50 24.28
C GLN B 5 -3.81 -8.10 23.87
N LEU B 6 -3.48 -7.96 22.58
CA LEU B 6 -2.21 -8.40 22.03
C LEU B 6 -1.51 -7.19 21.43
N GLN B 7 -0.26 -6.97 21.83
CA GLN B 7 0.52 -5.84 21.36
C GLN B 7 1.72 -6.35 20.59
N GLN B 8 1.78 -6.03 19.30
CA GLN B 8 2.86 -6.47 18.44
C GLN B 8 4.00 -5.46 18.42
N SER B 9 5.22 -5.98 18.32
CA SER B 9 6.41 -5.16 18.16
C SER B 9 7.39 -5.90 17.26
N GLY B 10 8.36 -5.16 16.74
CA GLY B 10 9.31 -5.71 15.81
C GLY B 10 9.41 -4.86 14.56
N PRO B 11 10.57 -4.93 13.91
CA PRO B 11 10.80 -4.08 12.74
C PRO B 11 10.06 -4.57 11.50
N GLY B 12 9.59 -3.62 10.70
CA GLY B 12 8.86 -3.92 9.48
C GLY B 12 9.70 -3.83 8.24
N LEU B 13 11.00 -3.95 8.40
CA LEU B 13 11.93 -3.98 7.28
C LEU B 13 12.96 -5.07 7.57
N VAL B 14 13.08 -6.04 6.67
CA VAL B 14 14.01 -7.16 6.84
C VAL B 14 14.76 -7.36 5.55
N LYS B 15 16.07 -7.48 5.64
CA LYS B 15 16.88 -7.68 4.45
C LYS B 15 16.74 -9.12 3.94
N PRO B 16 16.77 -9.33 2.62
CA PRO B 16 16.70 -10.69 2.10
C PRO B 16 17.83 -11.55 2.66
N SER B 17 17.48 -12.80 3.00
CA SER B 17 18.31 -13.84 3.57
C SER B 17 18.50 -13.69 5.09
N GLN B 18 18.01 -12.61 5.70
CA GLN B 18 18.15 -12.41 7.12
C GLN B 18 16.86 -12.88 7.80
N THR B 19 16.75 -12.64 9.11
CA THR B 19 15.70 -13.23 9.92
C THR B 19 14.66 -12.18 10.31
N LEU B 20 13.39 -12.49 10.03
CA LEU B 20 12.29 -11.70 10.56
C LEU B 20 11.99 -12.11 12.00
N SER B 21 11.91 -11.12 12.88
CA SER B 21 11.64 -11.36 14.30
C SER B 21 10.56 -10.40 14.78
N LEU B 22 9.42 -10.96 15.20
CA LEU B 22 8.34 -10.18 15.76
C LEU B 22 7.94 -10.77 17.10
N THR B 23 7.31 -9.93 17.92
CA THR B 23 6.92 -10.32 19.27
C THR B 23 5.49 -9.88 19.53
N CYS B 24 4.75 -10.73 20.22
CA CYS B 24 3.35 -10.50 20.58
C CYS B 24 3.22 -10.54 22.10
N ALA B 25 3.00 -9.39 22.71
CA ALA B 25 2.86 -9.30 24.17
C ALA B 25 1.39 -9.40 24.58
N ILE B 26 1.11 -10.31 25.52
CA ILE B 26 -0.26 -10.63 25.92
C ILE B 26 -0.61 -9.88 27.19
N SER B 27 -1.80 -9.28 27.21
CA SER B 27 -2.36 -8.63 28.38
C SER B 27 -3.71 -9.26 28.69
N GLY B 28 -3.93 -9.64 29.95
CA GLY B 28 -5.21 -10.16 30.37
C GLY B 28 -5.39 -11.66 30.23
N ASP B 29 -4.37 -12.40 29.79
CA ASP B 29 -4.43 -13.84 29.68
C ASP B 29 -3.00 -14.35 29.85
N SER B 30 -2.84 -15.67 29.92
CA SER B 30 -1.54 -16.29 30.10
C SER B 30 -1.11 -17.04 28.85
N VAL B 31 0.15 -16.85 28.45
CA VAL B 31 0.68 -17.60 27.32
C VAL B 31 0.65 -19.11 27.58
N SER B 32 0.57 -19.52 28.84
CA SER B 32 0.49 -20.93 29.23
C SER B 32 -0.95 -21.44 29.36
N SER B 33 -1.95 -20.62 29.01
CA SER B 33 -3.34 -21.04 29.12
C SER B 33 -3.60 -22.33 28.36
N ASN B 34 -4.25 -23.29 29.02
CA ASN B 34 -4.54 -24.56 28.38
C ASN B 34 -5.83 -24.52 27.57
N SER B 35 -6.45 -23.35 27.44
CA SER B 35 -7.65 -23.17 26.63
C SER B 35 -7.40 -22.20 25.49
N ALA B 36 -6.14 -21.95 25.15
CA ALA B 36 -5.79 -21.07 24.05
C ALA B 36 -4.57 -21.62 23.34
N ALA B 37 -4.41 -21.20 22.09
CA ALA B 37 -3.16 -21.38 21.37
C ALA B 37 -2.80 -20.06 20.73
N TRP B 38 -1.51 -19.80 20.62
CA TRP B 38 -0.99 -18.49 20.26
C TRP B 38 -0.41 -18.57 18.86
N ASN B 39 -1.03 -17.84 17.93
CA ASN B 39 -0.88 -18.07 16.51
C ASN B 39 -0.24 -16.88 15.80
N TRP B 40 0.39 -17.16 14.67
CA TRP B 40 0.81 -16.12 13.73
C TRP B 40 0.13 -16.40 12.39
N ILE B 41 -0.49 -15.36 11.83
CA ILE B 41 -1.13 -15.41 10.53
C ILE B 41 -0.64 -14.22 9.72
N ARG B 42 -0.33 -14.43 8.44
CA ARG B 42 0.08 -13.31 7.59
C ARG B 42 -0.90 -13.11 6.45
N GLN B 43 -0.86 -11.91 5.85
CA GLN B 43 -1.80 -11.53 4.82
C GLN B 43 -1.07 -10.74 3.74
N SER B 44 -1.26 -11.15 2.50
CA SER B 44 -0.69 -10.44 1.36
C SER B 44 -1.75 -10.31 0.29
N PRO B 45 -1.61 -9.33 -0.61
CA PRO B 45 -2.56 -9.23 -1.72
C PRO B 45 -2.55 -10.45 -2.63
N SER B 46 -1.41 -11.11 -2.80
CA SER B 46 -1.34 -12.20 -3.77
C SER B 46 -1.87 -13.52 -3.21
N ARG B 47 -1.72 -13.75 -1.90
CA ARG B 47 -2.05 -15.06 -1.34
C ARG B 47 -3.09 -15.01 -0.22
N GLY B 48 -3.62 -13.84 0.11
CA GLY B 48 -4.67 -13.79 1.12
C GLY B 48 -4.14 -14.08 2.51
N LEU B 49 -5.03 -14.60 3.36
CA LEU B 49 -4.71 -14.91 4.74
C LEU B 49 -4.10 -16.32 4.81
N GLU B 50 -2.90 -16.42 5.37
CA GLU B 50 -2.14 -17.67 5.45
C GLU B 50 -1.77 -17.93 6.89
N TRP B 51 -2.26 -19.04 7.43
CA TRP B 51 -1.86 -19.47 8.76
C TRP B 51 -0.40 -19.94 8.74
N LEU B 52 0.40 -19.44 9.68
CA LEU B 52 1.83 -19.76 9.75
C LEU B 52 2.13 -20.82 10.80
N GLY B 53 1.59 -20.69 11.99
CA GLY B 53 1.83 -21.68 13.03
C GLY B 53 1.35 -21.19 14.38
N ARG B 54 1.64 -22.00 15.39
CA ARG B 54 1.17 -21.69 16.73
C ARG B 54 2.04 -22.38 17.76
N THR B 55 1.99 -21.86 18.98
CA THR B 55 2.57 -22.51 20.16
C THR B 55 1.52 -22.56 21.25
N TYR B 56 1.54 -23.63 22.05
CA TYR B 56 0.54 -23.77 23.10
C TYR B 56 1.03 -24.78 24.13
N TYR B 57 0.53 -24.64 25.35
CA TYR B 57 0.97 -25.45 26.48
C TYR B 57 -0.18 -26.37 26.90
N ARG B 58 0.07 -27.68 26.89
CA ARG B 58 -0.88 -28.67 27.39
C ARG B 58 -0.04 -29.66 28.21
N SER B 59 0.26 -29.28 29.46
CA SER B 59 1.17 -30.01 30.34
C SER B 59 2.59 -30.08 29.76
N LYS B 60 2.84 -29.40 28.65
CA LYS B 60 4.05 -29.53 27.84
C LYS B 60 3.90 -28.56 26.66
N TRP B 61 4.99 -27.97 26.18
CA TRP B 61 4.86 -27.02 25.07
C TRP B 61 4.81 -27.74 23.73
N TYR B 62 3.93 -27.25 22.85
CA TYR B 62 3.72 -27.81 21.52
C TYR B 62 3.86 -26.71 20.47
N ASN B 63 4.16 -27.13 19.24
CA ASN B 63 4.16 -26.26 18.08
C ASN B 63 3.51 -26.98 16.91
N ASP B 64 2.75 -26.22 16.10
CA ASP B 64 2.34 -26.66 14.77
C ASP B 64 2.73 -25.57 13.80
N TYR B 65 3.26 -25.97 12.64
CA TYR B 65 3.70 -25.01 11.64
C TYR B 65 3.17 -25.39 10.26
N ALA B 66 2.89 -24.37 9.45
CA ALA B 66 2.56 -24.62 8.05
C ALA B 66 3.77 -25.23 7.33
N VAL B 67 3.51 -26.23 6.47
CA VAL B 67 4.59 -26.98 5.84
C VAL B 67 5.49 -26.06 5.04
N SER B 68 4.92 -25.06 4.38
CA SER B 68 5.70 -24.24 3.46
C SER B 68 6.75 -23.39 4.18
N VAL B 69 6.60 -23.14 5.47
CA VAL B 69 7.55 -22.33 6.24
C VAL B 69 8.21 -23.11 7.35
N LYS B 70 7.87 -24.39 7.52
CA LYS B 70 8.35 -25.16 8.66
C LYS B 70 9.87 -25.16 8.76
N SER B 71 10.56 -25.24 7.63
CA SER B 71 12.01 -25.30 7.67
C SER B 71 12.66 -24.01 8.14
N ARG B 72 11.90 -22.91 8.25
CA ARG B 72 12.45 -21.61 8.58
C ARG B 72 11.84 -20.95 9.80
N ILE B 73 10.76 -21.49 10.36
CA ILE B 73 9.95 -20.77 11.32
C ILE B 73 10.19 -21.30 12.73
N THR B 74 10.12 -20.38 13.69
CA THR B 74 10.11 -20.73 15.11
C THR B 74 9.13 -19.82 15.81
N ILE B 75 8.25 -20.40 16.62
CA ILE B 75 7.30 -19.65 17.42
C ILE B 75 7.46 -20.12 18.86
N ASN B 76 8.07 -19.26 19.69
CA ASN B 76 8.40 -19.66 21.05
C ASN B 76 7.69 -18.78 22.08
N PRO B 77 7.24 -19.36 23.18
CA PRO B 77 6.69 -18.56 24.28
C PRO B 77 7.80 -17.99 25.16
N ASP B 78 7.44 -16.91 25.86
CA ASP B 78 8.25 -16.32 26.92
C ASP B 78 7.32 -16.16 28.11
N THR B 79 7.39 -17.09 29.08
CA THR B 79 6.45 -17.05 30.20
C THR B 79 6.76 -15.90 31.15
N SER B 80 8.03 -15.54 31.31
CA SER B 80 8.38 -14.45 32.22
C SER B 80 7.82 -13.12 31.74
N LYS B 81 7.88 -12.86 30.44
CA LYS B 81 7.35 -11.62 29.87
C LYS B 81 5.92 -11.76 29.40
N ASN B 82 5.35 -12.95 29.45
CA ASN B 82 3.99 -13.25 28.96
C ASN B 82 3.83 -12.80 27.51
N GLN B 83 4.67 -13.34 26.64
CA GLN B 83 4.65 -12.99 25.23
C GLN B 83 5.03 -14.22 24.42
N PHE B 84 4.89 -14.10 23.09
CA PHE B 84 5.38 -15.14 22.21
C PHE B 84 5.93 -14.50 20.94
N SER B 85 6.85 -15.22 20.29
CA SER B 85 7.64 -14.65 19.22
C SER B 85 7.36 -15.35 17.91
N LEU B 86 7.72 -14.66 16.84
CA LEU B 86 7.82 -15.25 15.51
C LEU B 86 9.22 -15.00 15.00
N GLN B 87 9.89 -16.07 14.58
CA GLN B 87 11.18 -15.99 13.90
C GLN B 87 11.07 -16.71 12.57
N LEU B 88 11.34 -16.01 11.48
CA LEU B 88 11.29 -16.59 10.14
C LEU B 88 12.63 -16.32 9.47
N ASN B 89 13.42 -17.38 9.26
CA ASN B 89 14.77 -17.26 8.73
C ASN B 89 14.78 -17.12 7.21
N SER B 90 15.88 -16.58 6.69
CA SER B 90 16.20 -16.59 5.26
C SER B 90 15.04 -16.07 4.42
N VAL B 91 14.55 -14.88 4.77
CA VAL B 91 13.37 -14.35 4.10
C VAL B 91 13.68 -13.96 2.65
N THR B 92 12.65 -14.00 1.82
CA THR B 92 12.67 -13.55 0.44
C THR B 92 11.49 -12.62 0.23
N PRO B 93 11.39 -11.97 -0.94
CA PRO B 93 10.23 -11.11 -1.20
C PRO B 93 8.89 -11.83 -1.06
N GLU B 94 8.86 -13.15 -1.18
CA GLU B 94 7.60 -13.86 -0.97
C GLU B 94 7.12 -13.77 0.47
N ASP B 95 7.97 -13.33 1.40
CA ASP B 95 7.60 -13.16 2.79
C ASP B 95 7.11 -11.75 3.10
N THR B 96 7.14 -10.85 2.14
CA THR B 96 6.54 -9.53 2.33
C THR B 96 5.04 -9.67 2.50
N ALA B 97 4.52 -9.16 3.61
CA ALA B 97 3.12 -9.36 3.99
C ALA B 97 2.88 -8.61 5.30
N VAL B 98 1.61 -8.51 5.68
CA VAL B 98 1.24 -8.03 7.00
C VAL B 98 1.13 -9.24 7.92
N TYR B 99 1.85 -9.21 9.04
CA TYR B 99 1.90 -10.32 9.97
C TYR B 99 1.07 -9.99 11.19
N TYR B 100 0.17 -10.91 11.57
CA TYR B 100 -0.69 -10.76 12.74
C TYR B 100 -0.40 -11.89 13.71
N CYS B 101 -0.42 -11.56 14.99
CA CYS B 101 -0.55 -12.59 16.02
C CYS B 101 -2.00 -12.63 16.49
N ALA B 102 -2.41 -13.78 17.01
CA ALA B 102 -3.81 -13.98 17.34
C ALA B 102 -3.92 -15.02 18.44
N ARG B 103 -4.92 -14.83 19.31
CA ARG B 103 -5.30 -15.86 20.26
C ARG B 103 -6.34 -16.76 19.61
N GLU B 104 -6.07 -18.05 19.62
CA GLU B 104 -7.02 -19.07 19.22
C GLU B 104 -7.66 -19.63 20.48
N VAL B 105 -8.95 -19.32 20.69
CA VAL B 105 -9.71 -20.01 21.73
C VAL B 105 -9.87 -21.48 21.31
N THR B 106 -9.58 -22.40 22.23
CA THR B 106 -9.72 -23.83 21.99
C THR B 106 -10.53 -24.40 23.16
N GLY B 107 -11.84 -24.49 22.98
CA GLY B 107 -12.69 -25.03 24.04
C GLY B 107 -13.87 -25.85 23.54
N ASP B 108 -14.78 -26.19 24.46
CA ASP B 108 -15.92 -27.05 24.15
C ASP B 108 -16.71 -26.54 22.94
N LEU B 109 -16.88 -25.22 22.85
CA LEU B 109 -17.85 -24.62 21.95
C LEU B 109 -17.22 -23.76 20.89
N GLU B 110 -15.89 -23.73 20.79
CA GLU B 110 -15.24 -22.70 19.98
C GLU B 110 -13.81 -23.10 19.66
N ASP B 111 -13.42 -22.94 18.41
CA ASP B 111 -12.01 -22.99 18.00
C ASP B 111 -11.85 -21.89 16.97
N ALA B 112 -11.38 -20.72 17.40
CA ALA B 112 -11.44 -19.54 16.54
C ALA B 112 -10.41 -18.52 17.02
N PHE B 113 -10.08 -17.58 16.13
CA PHE B 113 -9.15 -16.50 16.43
C PHE B 113 -9.95 -15.29 16.92
N ASP B 114 -10.09 -15.14 18.24
CA ASP B 114 -10.98 -14.12 18.76
C ASP B 114 -10.29 -12.81 19.13
N ILE B 115 -8.98 -12.82 19.38
CA ILE B 115 -8.21 -11.61 19.68
C ILE B 115 -7.05 -11.53 18.70
N TRP B 116 -6.88 -10.37 18.08
CA TRP B 116 -5.80 -10.17 17.12
C TRP B 116 -4.93 -9.00 17.54
N GLY B 117 -3.63 -9.13 17.28
CA GLY B 117 -2.73 -8.00 17.35
C GLY B 117 -3.04 -7.00 16.25
N GLN B 118 -2.36 -5.86 16.29
CA GLN B 118 -2.61 -4.79 15.33
C GLN B 118 -1.95 -5.05 13.99
N GLY B 119 -1.09 -6.04 13.89
CA GLY B 119 -0.44 -6.30 12.62
C GLY B 119 0.86 -5.52 12.47
N THR B 120 1.81 -6.15 11.78
CA THR B 120 3.08 -5.51 11.43
C THR B 120 3.27 -5.67 9.94
N MET B 121 3.37 -4.55 9.23
CA MET B 121 3.70 -4.57 7.81
C MET B 121 5.18 -4.86 7.66
N VAL B 122 5.51 -5.99 7.04
CA VAL B 122 6.89 -6.43 6.87
C VAL B 122 7.23 -6.34 5.39
N THR B 123 8.30 -5.60 5.08
CA THR B 123 8.81 -5.49 3.72
C THR B 123 10.18 -6.14 3.68
N VAL B 124 10.36 -7.11 2.80
CA VAL B 124 11.67 -7.75 2.61
C VAL B 124 12.41 -6.96 1.54
N SER B 125 13.41 -6.18 1.96
CA SER B 125 14.17 -5.33 1.06
C SER B 125 15.51 -4.98 1.71
N SER B 126 16.54 -4.87 0.88
CA SER B 126 17.84 -4.40 1.33
C SER B 126 17.98 -2.89 1.26
N ALA B 127 16.98 -2.19 0.74
CA ALA B 127 17.00 -0.74 0.72
C ALA B 127 16.92 -0.18 2.14
N SER B 128 17.47 1.02 2.32
CA SER B 128 17.47 1.66 3.62
C SER B 128 16.15 2.40 3.85
N THR B 129 15.81 2.59 5.13
CA THR B 129 14.67 3.41 5.48
C THR B 129 14.89 4.85 5.03
N LYS B 130 13.79 5.51 4.65
CA LYS B 130 13.79 6.92 4.35
C LYS B 130 12.54 7.53 4.96
N GLY B 131 12.71 8.58 5.75
CA GLY B 131 11.59 9.28 6.34
C GLY B 131 10.97 10.25 5.37
N PRO B 132 9.69 10.55 5.56
CA PRO B 132 8.99 11.44 4.62
C PRO B 132 9.23 12.90 4.91
N SER B 133 8.96 13.71 3.89
CA SER B 133 8.78 15.14 4.02
C SER B 133 7.28 15.43 3.97
N VAL B 134 6.85 16.46 4.71
CA VAL B 134 5.43 16.77 4.85
C VAL B 134 5.20 18.19 4.35
N PHE B 135 4.34 18.32 3.34
CA PHE B 135 4.02 19.61 2.77
C PHE B 135 2.53 19.90 2.90
N PRO B 136 2.15 21.16 3.04
CA PRO B 136 0.74 21.49 3.18
C PRO B 136 0.01 21.49 1.85
N LEU B 137 -1.25 21.07 1.91
CA LEU B 137 -2.22 21.29 0.83
C LEU B 137 -3.12 22.41 1.35
N ALA B 138 -2.78 23.63 0.97
CA ALA B 138 -3.40 24.78 1.63
C ALA B 138 -4.81 25.03 1.09
N PRO B 139 -5.75 25.39 1.97
CA PRO B 139 -7.12 25.69 1.49
C PRO B 139 -7.13 26.89 0.57
N SER B 140 -7.93 26.80 -0.48
CA SER B 140 -7.92 27.77 -1.56
C SER B 140 -8.57 29.09 -1.14
N SER B 141 -8.24 30.15 -1.89
CA SER B 141 -8.80 31.48 -1.67
C SER B 141 -10.31 31.48 -1.91
N GLY B 147 -20.40 27.44 2.73
CA GLY B 147 -19.47 26.78 1.83
C GLY B 147 -18.49 25.86 2.54
N THR B 148 -17.89 24.96 1.78
CA THR B 148 -16.97 23.95 2.30
C THR B 148 -15.60 24.11 1.65
N ALA B 149 -14.56 24.02 2.46
CA ALA B 149 -13.17 24.12 2.00
C ALA B 149 -12.46 22.80 2.24
N ALA B 150 -11.48 22.51 1.38
CA ALA B 150 -10.64 21.33 1.51
C ALA B 150 -9.21 21.75 1.81
N LEU B 151 -8.56 21.00 2.70
CA LEU B 151 -7.14 21.20 3.00
C LEU B 151 -6.52 19.84 3.25
N GLY B 152 -5.20 19.79 3.37
CA GLY B 152 -4.59 18.50 3.64
C GLY B 152 -3.09 18.59 3.80
N CYS B 153 -2.47 17.41 3.80
CA CYS B 153 -1.03 17.25 3.93
C CYS B 153 -0.56 16.22 2.92
N LEU B 154 0.52 16.55 2.22
CA LEU B 154 1.18 15.65 1.30
C LEU B 154 2.41 15.07 2.01
N VAL B 155 2.48 13.75 2.08
CA VAL B 155 3.53 13.02 2.78
C VAL B 155 4.35 12.31 1.72
N LYS B 156 5.54 12.84 1.41
CA LYS B 156 6.27 12.46 0.21
C LYS B 156 7.58 11.76 0.52
N ASP B 157 7.87 10.71 -0.24
CA ASP B 157 9.19 10.10 -0.38
C ASP B 157 9.64 9.35 0.87
N TYR B 158 8.92 8.29 1.22
CA TYR B 158 9.29 7.48 2.37
C TYR B 158 9.40 6.02 1.95
N PHE B 159 10.09 5.25 2.81
CA PHE B 159 10.27 3.83 2.59
C PHE B 159 10.71 3.20 3.91
N PRO B 160 10.19 2.03 4.28
CA PRO B 160 9.09 1.32 3.64
C PRO B 160 7.75 1.84 4.14
N GLU B 161 6.68 1.20 3.73
CA GLU B 161 5.37 1.47 4.33
C GLU B 161 5.37 0.98 5.78
N PRO B 162 4.46 1.51 6.61
CA PRO B 162 3.47 2.54 6.34
C PRO B 162 3.74 3.86 7.02
N VAL B 163 3.00 4.89 6.64
CA VAL B 163 2.85 6.08 7.47
C VAL B 163 1.40 6.13 7.92
N THR B 164 1.18 6.73 9.09
CA THR B 164 -0.14 7.05 9.59
C THR B 164 -0.27 8.57 9.76
N VAL B 165 -1.49 9.06 9.60
CA VAL B 165 -1.77 10.49 9.69
C VAL B 165 -2.95 10.68 10.62
N SER B 166 -2.84 11.64 11.53
CA SER B 166 -3.97 12.13 12.29
C SER B 166 -4.12 13.62 12.08
N TRP B 167 -5.23 14.18 12.54
CA TRP B 167 -5.47 15.61 12.44
C TRP B 167 -5.83 16.15 13.81
N ASN B 168 -5.15 17.24 14.20
CA ASN B 168 -5.34 17.86 15.52
C ASN B 168 -5.25 16.80 16.63
N SER B 169 -4.20 15.98 16.52
CA SER B 169 -3.88 14.92 17.49
C SER B 169 -5.07 14.00 17.76
N GLY B 170 -5.86 13.74 16.72
CA GLY B 170 -7.00 12.86 16.83
C GLY B 170 -8.32 13.54 17.13
N ALA B 171 -8.31 14.83 17.47
CA ALA B 171 -9.55 15.53 17.76
C ALA B 171 -10.39 15.77 16.52
N LEU B 172 -9.78 15.73 15.33
CA LEU B 172 -10.48 15.97 14.07
C LEU B 172 -10.53 14.65 13.30
N THR B 173 -11.73 14.11 13.13
CA THR B 173 -11.90 12.83 12.44
C THR B 173 -12.96 12.95 11.36
N SER B 174 -13.96 13.79 11.59
CA SER B 174 -15.03 13.96 10.63
C SER B 174 -14.51 14.61 9.36
N GLY B 175 -14.77 13.98 8.22
CA GLY B 175 -14.37 14.53 6.94
C GLY B 175 -12.95 14.25 6.54
N VAL B 176 -12.22 13.45 7.29
CA VAL B 176 -10.84 13.11 6.95
C VAL B 176 -10.83 11.96 5.95
N HIS B 177 -10.00 12.09 4.91
CA HIS B 177 -9.72 10.99 3.99
C HIS B 177 -8.22 10.88 3.85
N THR B 178 -7.66 9.76 4.29
CA THR B 178 -6.23 9.48 4.10
C THR B 178 -6.10 8.41 3.03
N PHE B 179 -5.42 8.77 1.94
CA PHE B 179 -5.35 7.93 0.76
C PHE B 179 -4.34 6.80 0.96
N PRO B 180 -4.56 5.67 0.28
CA PRO B 180 -3.53 4.63 0.25
C PRO B 180 -2.27 5.18 -0.39
N ALA B 181 -1.14 4.66 0.07
CA ALA B 181 0.14 5.07 -0.48
C ALA B 181 0.24 4.69 -1.95
N VAL B 182 1.00 5.47 -2.69
CA VAL B 182 1.32 5.20 -4.08
C VAL B 182 2.81 4.93 -4.16
N LEU B 183 3.19 3.91 -4.92
CA LEU B 183 4.59 3.68 -5.24
C LEU B 183 4.98 4.61 -6.39
N GLN B 184 5.85 5.58 -6.11
CA GLN B 184 6.26 6.50 -7.14
C GLN B 184 7.31 5.85 -8.05
N SER B 185 7.57 6.51 -9.18
CA SER B 185 8.50 5.93 -10.15
C SER B 185 9.91 5.78 -9.58
N SER B 186 10.25 6.54 -8.55
CA SER B 186 11.55 6.46 -7.91
C SER B 186 11.71 5.24 -7.03
N GLY B 187 10.61 4.56 -6.71
CA GLY B 187 10.62 3.47 -5.76
C GLY B 187 10.29 3.88 -4.35
N LEU B 188 10.07 5.17 -4.09
CA LEU B 188 9.64 5.67 -2.80
C LEU B 188 8.13 5.88 -2.78
N TYR B 189 7.54 5.81 -1.59
CA TYR B 189 6.10 5.96 -1.46
C TYR B 189 5.74 7.42 -1.19
N SER B 190 4.49 7.77 -1.52
CA SER B 190 3.88 9.01 -1.07
C SER B 190 2.40 8.76 -0.80
N LEU B 191 1.81 9.65 0.01
CA LEU B 191 0.36 9.69 0.15
C LEU B 191 -0.07 11.10 0.53
N SER B 192 -1.36 11.36 0.40
CA SER B 192 -1.95 12.58 0.95
C SER B 192 -3.05 12.22 1.93
N SER B 193 -3.31 13.14 2.86
CA SER B 193 -4.47 13.06 3.74
C SER B 193 -5.19 14.39 3.66
N VAL B 194 -6.52 14.36 3.49
CA VAL B 194 -7.27 15.58 3.28
C VAL B 194 -8.42 15.61 4.26
N VAL B 195 -8.99 16.80 4.44
CA VAL B 195 -10.17 16.98 5.28
C VAL B 195 -10.95 18.16 4.74
N THR B 196 -12.27 18.07 4.79
CA THR B 196 -13.11 19.21 4.45
C THR B 196 -13.66 19.81 5.73
N VAL B 197 -13.73 21.14 5.76
CA VAL B 197 -14.14 21.89 6.95
C VAL B 197 -14.95 23.10 6.47
N PRO B 198 -15.71 23.77 7.33
CA PRO B 198 -16.42 24.97 6.88
C PRO B 198 -15.44 26.06 6.43
N SER B 199 -15.70 26.62 5.25
CA SER B 199 -14.87 27.72 4.77
C SER B 199 -14.88 28.90 5.73
N SER B 200 -16.00 29.09 6.45
CA SER B 200 -16.07 30.14 7.46
C SER B 200 -15.08 29.87 8.59
N SER B 201 -14.69 28.63 8.81
CA SER B 201 -13.83 28.24 9.92
C SER B 201 -12.35 28.46 9.66
N LEU B 202 -11.97 29.01 8.50
CA LEU B 202 -10.57 29.01 8.11
C LEU B 202 -9.75 30.01 8.92
N GLY B 203 -10.26 31.23 9.09
CA GLY B 203 -9.53 32.25 9.79
C GLY B 203 -9.51 32.11 11.31
N THR B 204 -10.40 31.30 11.86
CA THR B 204 -10.50 31.13 13.31
C THR B 204 -10.03 29.77 13.80
N GLN B 205 -10.11 28.73 12.98
CA GLN B 205 -9.76 27.39 13.41
C GLN B 205 -8.38 26.98 12.91
N THR B 206 -7.68 26.22 13.74
CA THR B 206 -6.35 25.70 13.47
C THR B 206 -6.45 24.25 13.01
N TYR B 207 -5.63 23.88 12.02
CA TYR B 207 -5.62 22.52 11.49
C TYR B 207 -4.18 22.05 11.36
N ILE B 208 -3.86 20.96 12.03
CA ILE B 208 -2.50 20.42 12.10
C ILE B 208 -2.55 18.94 11.75
N CYS B 209 -1.78 18.52 10.75
CA CYS B 209 -1.67 17.10 10.45
C CYS B 209 -0.48 16.51 11.20
N ASN B 210 -0.70 15.33 11.78
CA ASN B 210 0.32 14.63 12.57
C ASN B 210 0.72 13.38 11.80
N VAL B 211 1.97 13.35 11.33
CA VAL B 211 2.46 12.30 10.45
C VAL B 211 3.46 11.44 11.22
N SER B 212 3.29 10.12 11.13
CA SER B 212 4.16 9.17 11.81
C SER B 212 4.69 8.15 10.82
N HIS B 213 6.01 7.96 10.80
CA HIS B 213 6.66 6.92 10.00
C HIS B 213 7.55 6.14 10.95
N LYS B 214 7.00 5.11 11.57
CA LYS B 214 7.74 4.35 12.58
C LYS B 214 9.02 3.69 12.07
N PRO B 215 9.11 3.20 10.82
CA PRO B 215 10.40 2.63 10.39
C PRO B 215 11.57 3.60 10.47
N SER B 216 11.34 4.89 10.28
CA SER B 216 12.39 5.90 10.35
C SER B 216 12.34 6.71 11.63
N ASN B 217 11.50 6.34 12.59
CA ASN B 217 11.33 7.07 13.84
C ASN B 217 10.98 8.54 13.59
N THR B 218 10.19 8.78 12.55
CA THR B 218 9.83 10.14 12.15
C THR B 218 8.46 10.50 12.70
N LYS B 219 8.37 11.66 13.33
CA LYS B 219 7.10 12.28 13.72
C LYS B 219 7.17 13.75 13.35
N VAL B 220 6.18 14.22 12.59
CA VAL B 220 6.17 15.58 12.07
C VAL B 220 4.75 16.13 12.16
N ASP B 221 4.61 17.31 12.74
CA ASP B 221 3.38 18.08 12.68
C ASP B 221 3.52 19.21 11.66
N LYS B 222 2.45 19.47 10.92
CA LYS B 222 2.44 20.56 9.95
C LYS B 222 1.13 21.31 10.08
N LYS B 223 1.20 22.59 10.47
CA LYS B 223 0.02 23.44 10.44
C LYS B 223 -0.30 23.81 9.00
N VAL B 224 -1.55 23.64 8.62
CA VAL B 224 -2.02 23.93 7.27
C VAL B 224 -2.91 25.16 7.34
N GLU B 225 -2.49 26.25 6.71
CA GLU B 225 -3.17 27.52 6.77
C GLU B 225 -3.39 28.08 5.37
N PRO B 226 -4.40 28.95 5.20
CA PRO B 226 -4.67 29.59 3.89
C PRO B 226 -3.48 30.37 3.35
N GLY C 2 -1.78 -25.42 2.53
CA GLY C 2 -3.07 -25.91 2.97
C GLY C 2 -3.33 -27.38 2.74
N ASP C 3 -4.59 -27.78 2.91
CA ASP C 3 -5.09 -29.08 2.51
C ASP C 3 -6.59 -28.98 2.27
N ILE C 4 -7.32 -28.52 3.28
CA ILE C 4 -8.73 -28.19 3.10
C ILE C 4 -8.82 -26.81 2.47
N GLN C 5 -9.46 -26.73 1.31
CA GLN C 5 -9.61 -25.47 0.58
C GLN C 5 -10.99 -24.88 0.86
N MET C 6 -11.01 -23.61 1.25
CA MET C 6 -12.25 -22.89 1.52
C MET C 6 -12.53 -21.96 0.34
N THR C 7 -13.71 -22.08 -0.24
CA THR C 7 -14.10 -21.32 -1.43
C THR C 7 -15.31 -20.48 -1.11
N GLN C 8 -15.18 -19.17 -1.22
CA GLN C 8 -16.26 -18.24 -0.93
C GLN C 8 -16.90 -17.74 -2.22
N SER C 9 -18.19 -17.43 -2.11
CA SER C 9 -18.91 -16.89 -3.25
C SER C 9 -20.02 -15.99 -2.74
N PRO C 10 -20.29 -14.86 -3.42
CA PRO C 10 -19.49 -14.39 -4.56
C PRO C 10 -18.19 -13.74 -4.09
N SER C 11 -17.24 -13.52 -5.00
CA SER C 11 -16.00 -12.87 -4.61
C SER C 11 -16.23 -11.41 -4.25
N SER C 12 -17.25 -10.79 -4.81
CA SER C 12 -17.62 -9.42 -4.44
C SER C 12 -19.08 -9.20 -4.76
N LEU C 13 -19.65 -8.18 -4.13
CA LEU C 13 -21.03 -7.79 -4.42
C LEU C 13 -21.29 -6.40 -3.87
N SER C 14 -22.31 -5.75 -4.44
CA SER C 14 -22.79 -4.47 -3.97
C SER C 14 -24.24 -4.64 -3.54
N ALA C 15 -24.58 -4.10 -2.38
CA ALA C 15 -25.94 -4.16 -1.88
C ALA C 15 -26.26 -2.86 -1.14
N SER C 16 -27.53 -2.49 -1.14
CA SER C 16 -27.93 -1.22 -0.55
C SER C 16 -28.19 -1.37 0.95
N VAL C 17 -28.08 -0.25 1.65
CA VAL C 17 -28.49 -0.18 3.04
C VAL C 17 -29.92 -0.70 3.15
N GLY C 18 -30.16 -1.58 4.12
CA GLY C 18 -31.45 -2.19 4.32
C GLY C 18 -31.63 -3.53 3.63
N ASP C 19 -30.73 -3.91 2.71
CA ASP C 19 -30.84 -5.18 2.02
C ASP C 19 -30.48 -6.34 2.94
N ARG C 20 -31.09 -7.50 2.67
N ARG C 20 -31.08 -7.50 2.67
CA ARG C 20 -30.66 -8.75 3.27
CA ARG C 20 -30.66 -8.75 3.27
C ARG C 20 -29.57 -9.38 2.41
C ARG C 20 -29.57 -9.39 2.41
N VAL C 21 -28.42 -9.65 3.02
CA VAL C 21 -27.23 -10.13 2.32
C VAL C 21 -26.83 -11.49 2.88
N THR C 22 -26.59 -12.45 1.99
CA THR C 22 -26.12 -13.77 2.37
C THR C 22 -24.96 -14.18 1.47
N ILE C 23 -23.84 -14.57 2.08
CA ILE C 23 -22.66 -15.00 1.36
C ILE C 23 -22.33 -16.44 1.75
N THR C 24 -21.66 -17.15 0.84
CA THR C 24 -21.50 -18.59 0.91
C THR C 24 -20.03 -18.97 1.06
N CYS C 25 -19.77 -19.99 1.90
CA CYS C 25 -18.45 -20.55 2.09
C CYS C 25 -18.55 -22.07 2.00
N ARG C 26 -17.78 -22.69 1.12
CA ARG C 26 -17.80 -24.13 0.95
C ARG C 26 -16.42 -24.73 1.20
N ALA C 27 -16.40 -25.85 1.93
CA ALA C 27 -15.18 -26.57 2.26
C ALA C 27 -14.99 -27.76 1.31
N SER C 28 -13.73 -28.02 0.95
CA SER C 28 -13.42 -29.09 0.00
C SER C 28 -13.59 -30.48 0.61
N GLN C 29 -13.69 -30.58 1.93
CA GLN C 29 -14.09 -31.80 2.62
C GLN C 29 -14.80 -31.39 3.88
N THR C 30 -15.51 -32.33 4.51
CA THR C 30 -16.34 -31.94 5.64
C THR C 30 -15.47 -31.44 6.79
N ILE C 31 -15.89 -30.33 7.39
CA ILE C 31 -15.29 -29.76 8.58
C ILE C 31 -16.29 -29.72 9.73
N TRP C 32 -17.40 -30.45 9.60
CA TRP C 32 -18.44 -30.52 10.62
C TRP C 32 -18.87 -29.12 11.03
N SER C 33 -18.60 -28.73 12.28
CA SER C 33 -19.02 -27.45 12.82
C SER C 33 -17.87 -26.47 12.98
N TYR C 34 -16.68 -26.80 12.48
CA TYR C 34 -15.46 -26.05 12.80
C TYR C 34 -15.23 -24.94 11.77
N LEU C 35 -16.14 -23.98 11.76
CA LEU C 35 -16.11 -22.91 10.76
C LEU C 35 -16.39 -21.56 11.41
N ASN C 36 -15.55 -20.56 11.12
CA ASN C 36 -15.68 -19.22 11.67
C ASN C 36 -15.76 -18.18 10.57
N TRP C 37 -16.39 -17.05 10.89
CA TRP C 37 -16.53 -15.92 9.98
C TRP C 37 -15.87 -14.69 10.58
N TYR C 38 -15.17 -13.92 9.74
CA TYR C 38 -14.50 -12.70 10.15
C TYR C 38 -14.89 -11.54 9.24
N GLN C 39 -14.90 -10.35 9.83
CA GLN C 39 -15.03 -9.09 9.09
C GLN C 39 -13.70 -8.35 9.14
N GLN C 40 -13.24 -7.86 7.99
CA GLN C 40 -12.00 -7.09 7.96
C GLN C 40 -12.28 -5.73 7.33
N ARG C 41 -12.13 -4.68 8.11
CA ARG C 41 -12.21 -3.32 7.63
C ARG C 41 -10.84 -2.85 7.19
N PRO C 42 -10.76 -1.83 6.32
CA PRO C 42 -9.46 -1.40 5.81
C PRO C 42 -8.54 -0.96 6.94
N GLY C 43 -7.29 -1.40 6.85
CA GLY C 43 -6.28 -1.03 7.83
C GLY C 43 -6.35 -1.76 9.15
N LYS C 44 -7.23 -2.77 9.27
CA LYS C 44 -7.48 -3.41 10.54
C LYS C 44 -7.33 -4.92 10.42
N ALA C 45 -7.08 -5.57 11.56
CA ALA C 45 -7.06 -7.02 11.60
C ALA C 45 -8.47 -7.58 11.38
N PRO C 46 -8.59 -8.81 10.89
CA PRO C 46 -9.91 -9.45 10.84
C PRO C 46 -10.52 -9.51 12.24
N ASN C 47 -11.83 -9.32 12.28
CA ASN C 47 -12.60 -9.31 13.53
C ASN C 47 -13.59 -10.47 13.50
N LEU C 48 -13.58 -11.28 14.56
CA LEU C 48 -14.41 -12.48 14.60
C LEU C 48 -15.89 -12.12 14.75
N LEU C 49 -16.71 -12.62 13.82
CA LEU C 49 -18.15 -12.40 13.82
C LEU C 49 -18.91 -13.60 14.36
N ILE C 50 -18.62 -14.78 13.82
CA ILE C 50 -19.36 -16.00 14.09
C ILE C 50 -18.34 -17.11 14.33
N TYR C 51 -18.54 -17.89 15.39
CA TYR C 51 -17.74 -19.09 15.57
C TYR C 51 -18.65 -20.32 15.60
N ALA C 52 -18.05 -21.47 15.33
CA ALA C 52 -18.76 -22.76 15.29
C ALA C 52 -20.03 -22.67 14.46
N ALA C 53 -19.88 -22.10 13.26
CA ALA C 53 -20.91 -21.99 12.22
C ALA C 53 -22.03 -21.00 12.54
N SER C 54 -22.52 -20.96 13.79
CA SER C 54 -23.72 -20.18 14.08
C SER C 54 -23.68 -19.34 15.36
N SER C 55 -22.61 -19.38 16.15
CA SER C 55 -22.57 -18.63 17.39
C SER C 55 -22.04 -17.22 17.15
N LEU C 56 -22.83 -16.23 17.58
CA LEU C 56 -22.46 -14.83 17.42
C LEU C 56 -21.50 -14.41 18.53
N GLN C 57 -20.35 -13.85 18.12
CA GLN C 57 -19.36 -13.39 19.08
C GLN C 57 -19.89 -12.21 19.89
N SER C 58 -19.48 -12.13 21.14
CA SER C 58 -19.91 -11.04 22.02
C SER C 58 -19.54 -9.69 21.40
N GLY C 59 -20.48 -8.75 21.47
CA GLY C 59 -20.27 -7.42 20.95
C GLY C 59 -20.58 -7.25 19.47
N VAL C 60 -20.89 -8.33 18.77
CA VAL C 60 -21.24 -8.24 17.35
C VAL C 60 -22.73 -7.93 17.25
N PRO C 61 -23.13 -6.98 16.40
CA PRO C 61 -24.56 -6.68 16.26
C PRO C 61 -25.36 -7.90 15.87
N SER C 62 -26.60 -7.97 16.36
CA SER C 62 -27.43 -9.14 16.11
C SER C 62 -27.88 -9.26 14.66
N ARG C 63 -27.70 -8.22 13.84
CA ARG C 63 -28.03 -8.36 12.43
C ARG C 63 -27.14 -9.38 11.73
N PHE C 64 -26.06 -9.81 12.36
CA PHE C 64 -25.22 -10.87 11.80
C PHE C 64 -25.69 -12.23 12.30
N SER C 65 -25.67 -13.21 11.40
CA SER C 65 -26.06 -14.57 11.69
C SER C 65 -25.30 -15.51 10.77
N GLY C 66 -25.18 -16.77 11.18
CA GLY C 66 -24.52 -17.78 10.37
C GLY C 66 -25.20 -19.12 10.51
N ARG C 67 -25.11 -19.91 9.44
CA ARG C 67 -25.76 -21.23 9.34
C ARG C 67 -24.84 -22.20 8.62
N GLY C 68 -24.99 -23.49 8.92
CA GLY C 68 -24.40 -24.53 8.11
C GLY C 68 -23.67 -25.57 8.94
N SER C 69 -23.22 -26.61 8.22
CA SER C 69 -22.48 -27.73 8.77
C SER C 69 -21.92 -28.52 7.61
N GLY C 70 -20.92 -29.34 7.88
CA GLY C 70 -20.36 -30.19 6.86
C GLY C 70 -19.47 -29.47 5.88
N THR C 71 -20.00 -29.18 4.68
CA THR C 71 -19.21 -28.49 3.67
C THR C 71 -19.80 -27.17 3.23
N ASP C 72 -21.05 -26.86 3.56
CA ASP C 72 -21.72 -25.68 3.04
C ASP C 72 -22.17 -24.78 4.19
N PHE C 73 -21.71 -23.52 4.17
CA PHE C 73 -22.00 -22.56 5.21
C PHE C 73 -22.40 -21.23 4.60
N THR C 74 -23.16 -20.45 5.37
CA THR C 74 -23.58 -19.12 4.94
C THR C 74 -23.47 -18.13 6.09
N LEU C 75 -23.20 -16.88 5.73
CA LEU C 75 -23.25 -15.74 6.64
C LEU C 75 -24.30 -14.78 6.11
N THR C 76 -25.17 -14.30 7.00
CA THR C 76 -26.27 -13.41 6.63
C THR C 76 -26.21 -12.13 7.45
N ILE C 77 -26.31 -10.99 6.75
CA ILE C 77 -26.61 -9.71 7.38
C ILE C 77 -28.06 -9.40 7.06
N SER C 78 -28.88 -9.24 8.10
CA SER C 78 -30.32 -9.15 7.93
C SER C 78 -30.75 -7.81 7.35
N SER C 79 -30.13 -6.72 7.78
CA SER C 79 -30.46 -5.39 7.28
C SER C 79 -29.15 -4.62 7.22
N LEU C 80 -28.58 -4.54 6.01
CA LEU C 80 -27.25 -3.97 5.83
C LEU C 80 -27.19 -2.53 6.33
N GLN C 81 -26.08 -2.19 6.97
CA GLN C 81 -25.81 -0.81 7.36
C GLN C 81 -24.51 -0.35 6.68
N ALA C 82 -24.36 0.98 6.59
CA ALA C 82 -23.24 1.55 5.85
C ALA C 82 -21.91 1.06 6.39
N GLU C 83 -21.79 0.89 7.71
CA GLU C 83 -20.53 0.45 8.30
C GLU C 83 -20.22 -1.01 8.02
N ASP C 84 -21.11 -1.75 7.37
CA ASP C 84 -20.86 -3.15 7.04
C ASP C 84 -19.97 -3.30 5.81
N PHE C 85 -19.60 -2.21 5.15
CA PHE C 85 -18.57 -2.28 4.13
C PHE C 85 -17.31 -2.92 4.71
N ALA C 86 -16.86 -3.99 4.08
CA ALA C 86 -15.78 -4.80 4.59
C ALA C 86 -15.53 -5.95 3.62
N THR C 87 -14.41 -6.65 3.83
CA THR C 87 -14.22 -7.97 3.27
C THR C 87 -14.55 -8.99 4.34
N TYR C 88 -15.28 -10.03 3.96
CA TYR C 88 -15.72 -11.07 4.88
C TYR C 88 -15.01 -12.37 4.54
N TYR C 89 -14.48 -13.04 5.56
CA TYR C 89 -13.73 -14.27 5.38
C TYR C 89 -14.36 -15.38 6.19
N CYS C 90 -14.33 -16.59 5.64
CA CYS C 90 -14.57 -17.80 6.42
C CYS C 90 -13.25 -18.51 6.67
N GLN C 91 -13.24 -19.39 7.67
CA GLN C 91 -12.00 -20.05 8.05
C GLN C 91 -12.35 -21.35 8.74
N GLN C 92 -11.67 -22.43 8.35
CA GLN C 92 -11.90 -23.72 9.01
C GLN C 92 -10.84 -23.95 10.08
N SER C 93 -11.29 -24.43 11.24
CA SER C 93 -10.41 -24.81 12.34
C SER C 93 -10.47 -26.31 12.60
N TYR C 94 -10.98 -27.07 11.63
CA TYR C 94 -11.15 -28.51 11.80
C TYR C 94 -9.80 -29.21 11.93
N SER C 95 -8.84 -28.88 11.06
CA SER C 95 -7.57 -29.58 11.06
C SER C 95 -6.47 -28.67 10.57
N ILE C 96 -5.23 -29.08 10.86
CA ILE C 96 -4.01 -28.34 10.52
C ILE C 96 -3.59 -28.72 9.11
N PRO C 97 -3.23 -27.75 8.24
CA PRO C 97 -3.18 -26.31 8.51
C PRO C 97 -4.55 -25.67 8.46
N GLN C 98 -4.80 -24.74 9.37
CA GLN C 98 -6.04 -23.99 9.32
C GLN C 98 -6.00 -23.05 8.13
N THR C 99 -7.14 -22.92 7.45
CA THR C 99 -7.16 -22.28 6.14
C THR C 99 -8.35 -21.34 6.06
N PHE C 100 -8.17 -20.28 5.27
CA PHE C 100 -9.16 -19.22 5.10
C PHE C 100 -9.70 -19.26 3.68
N GLY C 101 -10.91 -18.75 3.53
CA GLY C 101 -11.42 -18.42 2.22
C GLY C 101 -10.70 -17.22 1.63
N GLN C 102 -10.98 -16.98 0.35
CA GLN C 102 -10.32 -15.87 -0.32
C GLN C 102 -11.03 -14.54 -0.10
N GLY C 103 -12.17 -14.54 0.59
CA GLY C 103 -12.83 -13.31 0.97
C GLY C 103 -13.97 -12.95 0.04
N THR C 104 -14.97 -12.26 0.59
CA THR C 104 -16.03 -11.63 -0.17
C THR C 104 -16.00 -10.14 0.12
N LYS C 105 -15.79 -9.32 -0.92
CA LYS C 105 -15.69 -7.88 -0.76
C LYS C 105 -17.09 -7.29 -0.92
N LEU C 106 -17.65 -6.80 0.17
CA LEU C 106 -18.98 -6.20 0.17
C LEU C 106 -18.87 -4.69 0.04
N GLU C 107 -19.35 -4.15 -1.09
CA GLU C 107 -19.54 -2.71 -1.28
C GLU C 107 -20.97 -2.32 -0.93
N ILE C 108 -21.12 -1.14 -0.34
CA ILE C 108 -22.44 -0.57 -0.08
C ILE C 108 -22.88 0.19 -1.33
N LYS C 109 -23.98 -0.25 -1.94
CA LYS C 109 -24.57 0.48 -3.05
C LYS C 109 -25.35 1.67 -2.52
N ARG C 110 -25.21 2.82 -3.15
CA ARG C 110 -25.91 4.03 -2.74
C ARG C 110 -26.26 4.83 -3.99
N THR C 111 -26.90 5.99 -3.78
CA THR C 111 -27.27 6.85 -4.89
C THR C 111 -26.02 7.53 -5.46
N VAL C 112 -26.17 8.02 -6.69
CA VAL C 112 -25.06 8.66 -7.39
C VAL C 112 -24.77 10.01 -6.77
N ALA C 113 -23.48 10.31 -6.58
CA ALA C 113 -23.03 11.60 -6.08
C ALA C 113 -21.85 12.04 -6.92
N ALA C 114 -21.97 13.18 -7.59
CA ALA C 114 -20.86 13.69 -8.38
C ALA C 114 -19.78 14.24 -7.45
N PRO C 115 -18.52 14.18 -7.86
CA PRO C 115 -17.44 14.65 -6.99
C PRO C 115 -17.44 16.16 -6.84
N SER C 116 -17.02 16.60 -5.66
CA SER C 116 -16.58 17.97 -5.43
C SER C 116 -15.09 18.03 -5.71
N VAL C 117 -14.66 18.96 -6.56
CA VAL C 117 -13.30 18.98 -7.08
C VAL C 117 -12.51 20.14 -6.49
N PHE C 118 -11.26 19.86 -6.10
CA PHE C 118 -10.37 20.86 -5.54
C PHE C 118 -8.99 20.68 -6.15
N ILE C 119 -8.28 21.80 -6.33
CA ILE C 119 -6.92 21.76 -6.85
C ILE C 119 -5.99 22.49 -5.89
N PHE C 120 -4.80 21.94 -5.69
CA PHE C 120 -3.80 22.46 -4.76
C PHE C 120 -2.49 22.71 -5.48
N PRO C 121 -1.96 23.94 -5.50
CA PRO C 121 -0.60 24.16 -6.03
C PRO C 121 0.44 23.58 -5.10
N PRO C 122 1.66 23.38 -5.59
CA PRO C 122 2.74 22.96 -4.69
C PRO C 122 3.03 24.01 -3.64
N SER C 123 3.47 23.54 -2.47
CA SER C 123 3.84 24.44 -1.40
C SER C 123 5.17 25.13 -1.73
N ASP C 124 5.38 26.28 -1.11
CA ASP C 124 6.66 26.97 -1.26
C ASP C 124 7.82 26.13 -0.74
N GLU C 125 7.61 25.41 0.38
CA GLU C 125 8.69 24.60 0.94
C GLU C 125 9.07 23.47 -0.01
N GLN C 126 8.09 22.82 -0.63
CA GLN C 126 8.45 21.76 -1.57
C GLN C 126 9.23 22.32 -2.75
N LEU C 127 8.76 23.44 -3.30
CA LEU C 127 9.44 24.07 -4.43
C LEU C 127 10.89 24.39 -4.09
N LYS C 128 11.13 24.89 -2.87
CA LYS C 128 12.49 25.14 -2.40
C LYS C 128 13.34 23.88 -2.47
N SER C 129 12.73 22.71 -2.25
CA SER C 129 13.46 21.45 -2.27
C SER C 129 13.72 20.94 -3.69
N GLY C 130 13.17 21.58 -4.73
CA GLY C 130 13.47 21.22 -6.09
C GLY C 130 12.40 20.46 -6.83
N THR C 131 11.25 20.17 -6.22
CA THR C 131 10.19 19.43 -6.89
C THR C 131 8.86 20.14 -6.67
N ALA C 132 7.90 19.81 -7.53
CA ALA C 132 6.56 20.40 -7.48
C ALA C 132 5.51 19.31 -7.60
N SER C 133 4.65 19.20 -6.61
CA SER C 133 3.55 18.25 -6.63
C SER C 133 2.26 19.06 -6.72
N VAL C 134 1.49 18.86 -7.79
CA VAL C 134 0.19 19.53 -7.98
C VAL C 134 -0.88 18.49 -7.72
N VAL C 135 -1.81 18.78 -6.80
CA VAL C 135 -2.75 17.76 -6.34
C VAL C 135 -4.17 18.14 -6.72
N CYS C 136 -4.89 17.22 -7.33
CA CYS C 136 -6.31 17.37 -7.63
C CYS C 136 -7.10 16.40 -6.77
N LEU C 137 -8.10 16.91 -6.06
CA LEU C 137 -8.91 16.10 -5.16
C LEU C 137 -10.34 16.01 -5.66
N LEU C 138 -10.85 14.78 -5.77
CA LEU C 138 -12.25 14.50 -6.09
C LEU C 138 -12.86 13.95 -4.82
N ASN C 139 -13.80 14.67 -4.22
CA ASN C 139 -14.24 14.32 -2.87
C ASN C 139 -15.67 13.80 -2.84
N ASN C 140 -15.87 12.70 -2.11
CA ASN C 140 -17.18 12.20 -1.69
C ASN C 140 -18.10 11.93 -2.88
N PHE C 141 -17.67 11.03 -3.76
CA PHE C 141 -18.45 10.71 -4.93
C PHE C 141 -18.80 9.22 -4.99
N TYR C 142 -19.77 8.89 -5.85
CA TYR C 142 -20.22 7.52 -6.03
C TYR C 142 -20.96 7.43 -7.36
N PRO C 143 -20.72 6.38 -8.18
CA PRO C 143 -19.80 5.26 -7.94
C PRO C 143 -18.34 5.62 -8.12
N ARG C 144 -17.48 4.60 -8.01
CA ARG C 144 -16.05 4.80 -7.87
C ARG C 144 -15.38 5.27 -9.15
N GLU C 145 -15.97 4.99 -10.32
CA GLU C 145 -15.31 5.28 -11.59
C GLU C 145 -15.29 6.78 -11.87
N ALA C 146 -14.13 7.28 -12.27
CA ALA C 146 -13.98 8.68 -12.63
C ALA C 146 -12.75 8.82 -13.53
N LYS C 147 -12.72 9.91 -14.30
CA LYS C 147 -11.59 10.23 -15.17
C LYS C 147 -11.04 11.59 -14.78
N VAL C 148 -9.72 11.66 -14.61
CA VAL C 148 -9.05 12.90 -14.24
C VAL C 148 -7.95 13.16 -15.24
N GLN C 149 -8.00 14.31 -15.90
CA GLN C 149 -6.99 14.70 -16.88
C GLN C 149 -6.34 16.00 -16.45
N TRP C 150 -5.04 16.10 -16.69
CA TRP C 150 -4.27 17.29 -16.38
C TRP C 150 -4.06 18.10 -17.65
N LYS C 151 -4.31 19.39 -17.56
CA LYS C 151 -4.01 20.33 -18.64
C LYS C 151 -3.06 21.38 -18.10
N VAL C 152 -1.94 21.56 -18.78
CA VAL C 152 -0.92 22.53 -18.38
C VAL C 152 -0.76 23.49 -19.55
N ASP C 153 -1.02 24.77 -19.31
CA ASP C 153 -1.06 25.79 -20.37
C ASP C 153 -1.99 25.32 -21.50
N ASN C 154 -3.14 24.77 -21.11
CA ASN C 154 -4.19 24.30 -22.01
C ASN C 154 -3.76 23.13 -22.88
N ALA C 155 -2.73 22.38 -22.48
CA ALA C 155 -2.25 21.22 -23.22
C ALA C 155 -2.40 19.97 -22.37
N LEU C 156 -3.09 18.97 -22.91
CA LEU C 156 -3.30 17.73 -22.17
C LEU C 156 -1.97 17.05 -21.87
N GLN C 157 -1.83 16.58 -20.64
CA GLN C 157 -0.62 15.92 -20.17
C GLN C 157 -0.78 14.40 -20.15
N SER C 158 0.35 13.72 -20.19
CA SER C 158 0.39 12.28 -19.97
C SER C 158 1.78 11.91 -19.44
N GLY C 159 1.81 11.02 -18.45
CA GLY C 159 3.04 10.37 -18.05
C GLY C 159 3.68 10.88 -16.78
N ASN C 160 3.13 11.94 -16.18
CA ASN C 160 3.68 12.55 -14.98
C ASN C 160 2.66 12.63 -13.86
N SER C 161 1.65 11.77 -13.86
CA SER C 161 0.60 11.81 -12.84
C SER C 161 0.32 10.41 -12.32
N GLN C 162 -0.11 10.35 -11.05
CA GLN C 162 -0.57 9.11 -10.43
C GLN C 162 -1.81 9.38 -9.60
N GLU C 163 -2.65 8.34 -9.46
CA GLU C 163 -3.91 8.44 -8.77
C GLU C 163 -3.94 7.49 -7.58
N SER C 164 -4.73 7.87 -6.56
CA SER C 164 -5.04 6.97 -5.46
C SER C 164 -6.50 7.20 -5.09
N VAL C 165 -7.17 6.11 -4.70
CA VAL C 165 -8.58 6.15 -4.34
C VAL C 165 -8.74 5.60 -2.93
N THR C 166 -9.60 6.23 -2.13
CA THR C 166 -9.85 5.73 -0.79
C THR C 166 -10.73 4.49 -0.84
N GLU C 167 -10.68 3.72 0.24
CA GLU C 167 -11.72 2.73 0.46
C GLU C 167 -13.05 3.43 0.74
N GLN C 168 -14.13 2.69 0.53
CA GLN C 168 -15.45 3.26 0.70
C GLN C 168 -15.65 3.79 2.12
N ASP C 169 -16.24 4.97 2.24
CA ASP C 169 -16.43 5.59 3.54
C ASP C 169 -17.45 4.79 4.35
N SER C 170 -17.14 4.57 5.63
CA SER C 170 -17.99 3.76 6.49
C SER C 170 -19.30 4.45 6.90
N LYS C 171 -19.42 5.75 6.68
CA LYS C 171 -20.63 6.48 7.07
C LYS C 171 -21.49 6.92 5.90
N ASP C 172 -20.91 7.47 4.82
CA ASP C 172 -21.72 7.90 3.70
C ASP C 172 -21.50 7.09 2.43
N SER C 173 -20.68 6.03 2.48
CA SER C 173 -20.47 5.07 1.38
C SER C 173 -19.90 5.71 0.11
N THR C 174 -19.24 6.86 0.22
CA THR C 174 -18.62 7.50 -0.94
C THR C 174 -17.14 7.14 -1.04
N TYR C 175 -16.56 7.55 -2.17
CA TYR C 175 -15.15 7.45 -2.44
C TYR C 175 -14.56 8.85 -2.62
N SER C 176 -13.27 8.95 -2.41
CA SER C 176 -12.51 10.14 -2.75
C SER C 176 -11.30 9.71 -3.56
N LEU C 177 -10.82 10.61 -4.43
CA LEU C 177 -9.73 10.25 -5.32
C LEU C 177 -8.76 11.42 -5.38
N SER C 178 -7.46 11.11 -5.40
CA SER C 178 -6.42 12.11 -5.60
C SER C 178 -5.66 11.81 -6.88
N SER C 179 -5.35 12.87 -7.64
CA SER C 179 -4.42 12.79 -8.75
C SER C 179 -3.31 13.78 -8.49
N THR C 180 -2.07 13.31 -8.58
CA THR C 180 -0.89 14.12 -8.27
C THR C 180 -0.02 14.23 -9.51
N LEU C 181 0.21 15.46 -9.97
CA LEU C 181 1.10 15.74 -11.09
C LEU C 181 2.44 16.17 -10.52
N THR C 182 3.50 15.44 -10.86
CA THR C 182 4.82 15.70 -10.30
C THR C 182 5.76 16.23 -11.38
N LEU C 183 6.33 17.40 -11.12
CA LEU C 183 7.27 18.04 -12.01
C LEU C 183 8.52 18.42 -11.23
N SER C 184 9.62 18.57 -11.95
CA SER C 184 10.75 19.27 -11.36
C SER C 184 10.36 20.73 -11.12
N LYS C 185 11.05 21.38 -10.18
CA LYS C 185 10.77 22.78 -9.92
C LYS C 185 10.98 23.63 -11.16
N ALA C 186 12.04 23.36 -11.92
CA ALA C 186 12.29 24.10 -13.15
C ALA C 186 11.11 23.99 -14.11
N ASP C 187 10.62 22.76 -14.33
CA ASP C 187 9.51 22.59 -15.26
C ASP C 187 8.23 23.25 -14.75
N TYR C 188 7.97 23.16 -13.44
CA TYR C 188 6.78 23.82 -12.90
C TYR C 188 6.79 25.32 -13.18
N GLU C 189 7.97 25.94 -13.11
CA GLU C 189 8.08 27.38 -13.32
C GLU C 189 8.10 27.77 -14.79
N LYS C 190 8.00 26.81 -15.71
CA LYS C 190 7.94 27.08 -17.14
C LYS C 190 6.51 27.16 -17.66
N HIS C 191 5.52 27.02 -16.79
CA HIS C 191 4.12 27.05 -17.18
C HIS C 191 3.33 27.98 -16.26
N LYS C 192 2.20 28.46 -16.78
CA LYS C 192 1.33 29.37 -16.06
C LYS C 192 0.09 28.68 -15.50
N VAL C 193 -0.71 28.06 -16.38
CA VAL C 193 -2.04 27.57 -16.03
C VAL C 193 -1.96 26.09 -15.70
N TYR C 194 -2.44 25.71 -14.52
CA TYR C 194 -2.55 24.30 -14.15
C TYR C 194 -4.01 23.96 -13.92
N ALA C 195 -4.50 22.95 -14.63
CA ALA C 195 -5.92 22.60 -14.57
C ALA C 195 -6.11 21.10 -14.44
N CYS C 196 -7.11 20.73 -13.67
CA CYS C 196 -7.57 19.36 -13.50
C CYS C 196 -9.00 19.26 -14.02
N GLU C 197 -9.24 18.34 -14.94
CA GLU C 197 -10.56 18.17 -15.53
C GLU C 197 -11.12 16.80 -15.15
N VAL C 198 -12.35 16.81 -14.63
CA VAL C 198 -12.95 15.65 -13.97
C VAL C 198 -14.22 15.26 -14.70
N THR C 199 -14.34 13.97 -15.02
CA THR C 199 -15.51 13.39 -15.64
C THR C 199 -16.03 12.28 -14.71
N HIS C 200 -17.35 12.22 -14.55
CA HIS C 200 -18.00 11.24 -13.69
C HIS C 200 -19.40 11.01 -14.24
N GLN C 201 -19.95 9.80 -14.03
CA GLN C 201 -21.26 9.50 -14.61
C GLN C 201 -22.35 10.41 -14.08
N GLY C 202 -22.17 10.99 -12.91
CA GLY C 202 -23.13 11.91 -12.36
C GLY C 202 -23.02 13.34 -12.85
N LEU C 203 -22.07 13.65 -13.73
CA LEU C 203 -21.88 14.99 -14.28
C LEU C 203 -22.37 15.02 -15.72
N SER C 204 -23.17 16.04 -16.06
CA SER C 204 -23.61 16.17 -17.45
C SER C 204 -22.46 16.56 -18.37
N SER C 205 -21.42 17.18 -17.85
CA SER C 205 -20.24 17.55 -18.62
C SER C 205 -19.08 17.67 -17.66
N PRO C 206 -17.84 17.62 -18.16
CA PRO C 206 -16.68 17.63 -17.24
C PRO C 206 -16.58 18.93 -16.45
N VAL C 207 -15.96 18.83 -15.28
CA VAL C 207 -15.74 19.94 -14.38
C VAL C 207 -14.25 20.20 -14.29
N THR C 208 -13.84 21.46 -14.39
CA THR C 208 -12.43 21.83 -14.33
C THR C 208 -12.16 22.76 -13.16
N LYS C 209 -11.10 22.47 -12.41
CA LYS C 209 -10.55 23.39 -11.42
C LYS C 209 -9.16 23.77 -11.88
N SER C 210 -8.79 25.04 -11.71
CA SER C 210 -7.54 25.53 -12.26
C SER C 210 -6.95 26.60 -11.36
N PHE C 211 -5.65 26.86 -11.54
CA PHE C 211 -5.00 28.00 -10.91
C PHE C 211 -3.90 28.50 -11.84
N ASN C 212 -3.56 29.78 -11.68
CA ASN C 212 -2.42 30.38 -12.35
C ASN C 212 -1.24 30.41 -11.39
N ARG C 213 -0.10 29.90 -11.83
CA ARG C 213 1.05 29.83 -10.95
C ARG C 213 1.43 31.22 -10.45
N GLY C 214 1.58 31.36 -9.14
CA GLY C 214 2.03 32.59 -8.53
C GLY C 214 0.94 33.56 -8.13
N GLU C 215 -0.32 33.16 -8.20
CA GLU C 215 -1.42 34.06 -7.87
C GLU C 215 -2.04 33.75 -6.51
#